data_8RHT
#
_entry.id   8RHT
#
_cell.length_a   41.920
_cell.length_b   60.928
_cell.length_c   68.882
_cell.angle_alpha   90.00
_cell.angle_beta   90.00
_cell.angle_gamma   90.00
#
_symmetry.space_group_name_H-M   'P 21 21 21'
#
loop_
_entity.id
_entity.type
_entity.pdbx_description
1 polymer 'Bifunctional dihydrofolate reductase-thymidylate synthase'
2 non-polymer 'NADPH DIHYDRO-NICOTINAMIDE-ADENINE-DINUCLEOTIDE PHOSPHATE'
3 non-polymer 4,4,7,8-tetramethyl-10~{H}-[1,3,5]triazino[1,2-a]benzimidazol-2-amine
4 water water
#
_entity_poly.entity_id   1
_entity_poly.type   'polypeptide(L)'
_entity_poly.pdbx_seq_one_letter_code
;GSHMLSLTRILRKKIPVHELAGKISRPPLRPFSVVVASDEKGGIGDGGTIPWEIPEDMQYFRRVTTNLRGKNVKPSPSKR
NAVVMGRKTWDSLPPKFRPLSNRLNVVLSRSATKEQLLAGIPDPIKRAEAANDVVAVNGGLEDALRMLVSKEHTSSIETV
FCIGGGTIYKQALCAPCVNVLQAIHRTVVRPASNSCSVFFDIPAAGTKTPEGLELVRESITDERVSTGAGGKKYQFEKLV
PRNS
;
_entity_poly.pdbx_strand_id   A
#
loop_
_chem_comp.id
_chem_comp.type
_chem_comp.name
_chem_comp.formula
A1H0S non-polymer 4,4,7,8-tetramethyl-10~{H}-[1,3,5]triazino[1,2-a]benzimidazol-2-amine 'C13 H17 N5'
NDP non-polymer 'NADPH DIHYDRO-NICOTINAMIDE-ADENINE-DINUCLEOTIDE PHOSPHATE' 'C21 H30 N7 O17 P3'
#
# COMPACT_ATOMS: atom_id res chain seq x y z
N ARG A 26 9.92 16.47 -15.03
CA ARG A 26 9.55 15.11 -14.52
C ARG A 26 10.58 14.09 -14.97
N PRO A 27 11.82 14.09 -14.39
CA PRO A 27 12.83 13.08 -14.70
C PRO A 27 12.66 11.79 -13.89
N PRO A 28 13.58 10.79 -13.99
CA PRO A 28 13.36 9.45 -13.41
C PRO A 28 12.88 9.34 -11.96
N LEU A 29 12.08 8.29 -11.69
CA LEU A 29 11.42 8.07 -10.41
C LEU A 29 11.81 6.72 -9.81
N ARG A 30 11.11 6.33 -8.74
CA ARG A 30 11.34 5.05 -8.08
C ARG A 30 10.30 4.03 -8.54
N PRO A 31 10.70 2.79 -8.92
CA PRO A 31 9.71 1.73 -9.12
C PRO A 31 9.16 1.18 -7.81
N PHE A 32 7.83 1.17 -7.71
CA PHE A 32 7.13 0.64 -6.56
C PHE A 32 6.24 -0.49 -7.02
N SER A 33 5.52 -1.09 -6.06
CA SER A 33 4.42 -2.02 -6.32
C SER A 33 3.22 -1.55 -5.53
N VAL A 34 2.09 -2.22 -5.72
CA VAL A 34 0.88 -1.78 -5.06
C VAL A 34 0.35 -2.93 -4.21
N VAL A 35 -0.22 -2.62 -3.05
CA VAL A 35 -0.84 -3.68 -2.26
C VAL A 35 -2.27 -3.28 -1.91
N VAL A 36 -3.23 -4.16 -2.24
CA VAL A 36 -4.62 -3.87 -1.98
C VAL A 36 -5.40 -5.16 -1.68
N ALA A 37 -6.47 -5.00 -0.90
CA ALA A 37 -7.45 -6.05 -0.63
C ALA A 37 -8.82 -5.50 -0.98
N SER A 38 -9.37 -6.00 -2.09
CA SER A 38 -10.65 -5.50 -2.58
C SER A 38 -11.57 -6.68 -2.87
N ASP A 39 -12.88 -6.44 -2.67
CA ASP A 39 -13.90 -7.39 -3.10
C ASP A 39 -14.00 -7.37 -4.62
N GLU A 40 -15.01 -8.09 -5.15
CA GLU A 40 -15.22 -8.24 -6.58
C GLU A 40 -15.51 -6.88 -7.23
N LYS A 41 -16.30 -6.05 -6.51
CA LYS A 41 -16.67 -4.72 -6.95
C LYS A 41 -15.47 -3.79 -6.83
N GLY A 42 -14.34 -4.31 -6.32
CA GLY A 42 -13.12 -3.54 -6.21
C GLY A 42 -13.15 -2.58 -5.03
N GLY A 43 -14.20 -2.71 -4.21
CA GLY A 43 -14.40 -1.91 -3.00
C GLY A 43 -13.37 -2.28 -1.93
N ILE A 44 -12.91 -1.28 -1.17
CA ILE A 44 -11.72 -1.41 -0.35
C ILE A 44 -11.94 -0.88 1.08
N GLY A 45 -12.91 0.02 1.28
CA GLY A 45 -13.05 0.68 2.57
C GLY A 45 -14.38 1.43 2.75
N ASP A 46 -14.99 1.25 3.93
CA ASP A 46 -16.23 1.92 4.29
C ASP A 46 -15.91 3.20 5.08
N GLY A 47 -15.32 4.17 4.39
CA GLY A 47 -15.04 5.47 4.99
C GLY A 47 -13.64 5.55 5.59
N GLY A 48 -13.49 5.06 6.82
CA GLY A 48 -12.28 5.26 7.62
C GLY A 48 -11.87 4.03 8.43
N THR A 49 -12.45 2.87 8.07
CA THR A 49 -12.04 1.59 8.61
C THR A 49 -12.11 0.59 7.47
N ILE A 50 -10.98 -0.07 7.20
CA ILE A 50 -10.94 -1.16 6.23
C ILE A 50 -12.06 -2.15 6.60
N PRO A 51 -12.90 -2.61 5.65
CA PRO A 51 -14.11 -3.36 6.00
C PRO A 51 -13.81 -4.73 6.57
N TRP A 52 -12.69 -5.33 6.13
CA TRP A 52 -12.34 -6.68 6.52
C TRP A 52 -10.95 -6.76 7.16
N GLU A 53 -10.88 -7.63 8.18
CA GLU A 53 -9.69 -7.95 8.95
C GLU A 53 -9.39 -9.45 8.79
N ILE A 54 -9.44 -9.95 7.54
CA ILE A 54 -9.14 -11.33 7.20
C ILE A 54 -7.70 -11.68 7.61
N PRO A 55 -7.53 -12.61 8.57
CA PRO A 55 -6.22 -12.83 9.22
C PRO A 55 -5.04 -13.07 8.30
N GLU A 56 -5.20 -14.06 7.41
CA GLU A 56 -4.12 -14.47 6.53
C GLU A 56 -3.80 -13.32 5.59
N ASP A 57 -4.85 -12.60 5.19
CA ASP A 57 -4.78 -11.40 4.38
C ASP A 57 -3.89 -10.37 5.08
N MET A 58 -4.18 -10.09 6.36
CA MET A 58 -3.39 -9.12 7.09
C MET A 58 -1.95 -9.65 7.16
N GLN A 59 -1.82 -10.97 7.32
CA GLN A 59 -0.55 -11.64 7.50
C GLN A 59 0.30 -11.46 6.23
N TYR A 60 -0.32 -11.65 5.08
CA TYR A 60 0.39 -11.49 3.83
C TYR A 60 0.90 -10.06 3.72
N PHE A 61 0.02 -9.10 4.03
CA PHE A 61 0.32 -7.68 3.93
C PHE A 61 1.57 -7.35 4.73
N ARG A 62 1.66 -7.95 5.91
CA ARG A 62 2.78 -7.68 6.80
C ARG A 62 4.04 -8.23 6.15
N ARG A 63 3.97 -9.47 5.69
CA ARG A 63 5.15 -10.18 5.23
C ARG A 63 5.60 -9.63 3.89
N VAL A 64 4.66 -9.01 3.17
CA VAL A 64 4.91 -8.55 1.81
C VAL A 64 5.58 -7.17 1.83
N THR A 65 5.25 -6.36 2.83
CA THR A 65 5.74 -4.99 2.84
C THR A 65 6.94 -4.84 3.76
N THR A 66 7.13 -5.83 4.65
CA THR A 66 8.21 -5.80 5.63
C THR A 66 9.46 -6.49 5.06
N ASN A 67 9.26 -7.71 4.56
CA ASN A 67 10.32 -8.68 4.29
C ASN A 67 11.21 -8.23 3.13
N LEU A 68 12.52 -8.25 3.37
CA LEU A 68 13.54 -8.01 2.36
C LEU A 68 13.83 -9.29 1.56
N ARG A 69 14.75 -9.19 0.60
CA ARG A 69 15.06 -10.29 -0.31
C ARG A 69 16.31 -11.01 0.20
N GLY A 70 16.35 -12.34 0.05
CA GLY A 70 17.52 -13.11 0.45
C GLY A 70 17.28 -13.92 1.72
N LYS A 71 18.15 -14.92 1.96
CA LYS A 71 17.98 -15.84 3.08
C LYS A 71 18.27 -15.11 4.39
N ASN A 72 17.33 -15.27 5.34
CA ASN A 72 17.44 -14.85 6.73
C ASN A 72 17.69 -13.34 6.86
N VAL A 73 17.43 -12.57 5.78
CA VAL A 73 17.63 -11.13 5.80
C VAL A 73 16.48 -10.45 6.53
N LYS A 74 16.83 -9.47 7.38
CA LYS A 74 15.94 -8.83 8.33
C LYS A 74 15.90 -7.31 8.09
N PRO A 75 14.72 -6.65 8.26
CA PRO A 75 14.61 -5.20 8.10
C PRO A 75 15.11 -4.40 9.29
N SER A 76 16.19 -3.65 9.07
CA SER A 76 16.65 -2.66 10.03
C SER A 76 16.57 -1.29 9.37
N PRO A 77 16.61 -0.16 10.13
CA PRO A 77 16.67 1.18 9.54
C PRO A 77 17.74 1.36 8.47
N SER A 78 18.78 0.50 8.53
CA SER A 78 19.80 0.35 7.50
C SER A 78 19.12 0.07 6.16
N LYS A 79 18.37 -1.04 6.12
CA LYS A 79 17.67 -1.49 4.94
C LYS A 79 16.29 -2.01 5.35
N ARG A 80 15.27 -1.51 4.64
CA ARG A 80 13.87 -1.84 4.86
C ARG A 80 13.07 -1.33 3.67
N ASN A 81 11.78 -1.71 3.59
CA ASN A 81 10.94 -1.26 2.49
C ASN A 81 10.16 -0.03 2.92
N ALA A 82 9.76 0.74 1.91
CA ALA A 82 8.95 1.91 2.17
C ALA A 82 7.52 1.57 1.85
N VAL A 83 6.62 2.23 2.57
CA VAL A 83 5.22 2.16 2.24
C VAL A 83 4.72 3.59 2.10
N VAL A 84 4.08 3.89 0.97
CA VAL A 84 3.53 5.21 0.71
C VAL A 84 2.01 5.13 0.81
N MET A 85 1.42 6.11 1.47
CA MET A 85 -0.03 6.15 1.63
C MET A 85 -0.47 7.60 1.70
N GLY A 86 -1.73 7.85 1.30
CA GLY A 86 -2.33 9.15 1.51
C GLY A 86 -2.70 9.37 2.99
N ARG A 87 -2.82 10.64 3.36
CA ARG A 87 -3.21 11.04 4.70
C ARG A 87 -4.43 10.26 5.18
N LYS A 88 -5.47 10.14 4.34
CA LYS A 88 -6.73 9.59 4.83
C LYS A 88 -6.53 8.13 5.25
N THR A 89 -5.70 7.43 4.48
CA THR A 89 -5.34 6.07 4.80
C THR A 89 -4.65 6.08 6.16
N TRP A 90 -3.82 7.10 6.36
CA TRP A 90 -3.07 7.25 7.59
C TRP A 90 -4.02 7.46 8.77
N ASP A 91 -5.15 8.11 8.51
CA ASP A 91 -6.15 8.30 9.54
C ASP A 91 -6.92 7.01 9.80
N SER A 92 -6.99 6.13 8.80
CA SER A 92 -7.76 4.90 8.92
C SER A 92 -6.94 3.78 9.54
N LEU A 93 -5.60 3.93 9.55
CA LEU A 93 -4.73 3.04 10.29
C LEU A 93 -5.28 2.86 11.69
N PRO A 94 -5.51 1.62 12.18
CA PRO A 94 -5.85 1.42 13.59
C PRO A 94 -4.66 1.95 14.40
N PRO A 95 -4.90 2.81 15.42
CA PRO A 95 -3.82 3.34 16.26
C PRO A 95 -2.62 2.44 16.55
N LYS A 96 -2.89 1.15 16.77
CA LYS A 96 -1.83 0.19 17.00
C LYS A 96 -0.94 0.11 15.76
N PHE A 97 -1.56 0.13 14.57
CA PHE A 97 -0.85 0.00 13.30
C PHE A 97 -0.27 1.34 12.84
N ARG A 98 -0.18 2.30 13.77
CA ARG A 98 0.21 3.64 13.38
C ARG A 98 1.47 4.03 14.15
N PRO A 99 2.67 4.00 13.55
CA PRO A 99 2.88 3.57 12.16
C PRO A 99 3.20 2.08 11.96
N LEU A 100 3.21 1.66 10.69
CA LEU A 100 3.50 0.28 10.38
C LEU A 100 4.97 0.03 10.66
N SER A 101 5.22 -0.78 11.69
CA SER A 101 6.58 -0.94 12.19
C SER A 101 7.47 -1.54 11.10
N ASN A 102 8.77 -1.24 11.20
CA ASN A 102 9.79 -1.90 10.41
C ASN A 102 9.67 -1.48 8.94
N ARG A 103 9.01 -0.34 8.70
CA ARG A 103 8.89 0.18 7.37
C ARG A 103 8.95 1.70 7.45
N LEU A 104 9.57 2.32 6.44
CA LEU A 104 9.49 3.77 6.33
C LEU A 104 8.09 4.12 5.84
N ASN A 105 7.32 4.77 6.72
CA ASN A 105 5.95 5.18 6.40
C ASN A 105 6.02 6.53 5.71
N VAL A 106 5.56 6.58 4.46
CA VAL A 106 5.61 7.81 3.70
C VAL A 106 4.17 8.26 3.48
N VAL A 107 3.83 9.42 4.04
CA VAL A 107 2.45 9.88 3.98
C VAL A 107 2.39 11.12 3.07
N LEU A 108 1.46 11.09 2.13
CA LEU A 108 1.22 12.21 1.23
C LEU A 108 0.07 13.03 1.79
N SER A 109 0.37 14.29 2.14
CA SER A 109 -0.64 15.21 2.55
C SER A 109 -0.30 16.56 1.91
N ARG A 110 -1.34 17.33 1.59
CA ARG A 110 -1.16 18.73 1.26
C ARG A 110 -0.91 19.48 2.57
N SER A 111 -1.86 19.39 3.49
CA SER A 111 -1.93 20.26 4.66
C SER A 111 -0.93 19.84 5.75
N ALA A 112 -1.09 18.63 6.30
CA ALA A 112 -0.46 18.20 7.54
C ALA A 112 1.07 18.17 7.46
N THR A 113 1.72 18.22 8.64
CA THR A 113 3.17 18.11 8.73
C THR A 113 3.53 16.87 9.52
N LYS A 114 4.82 16.53 9.48
CA LYS A 114 5.29 15.38 10.22
C LYS A 114 4.72 15.47 11.63
N GLU A 115 4.80 16.69 12.19
CA GLU A 115 4.15 16.98 13.46
C GLU A 115 2.70 16.51 13.44
N GLN A 116 1.89 17.05 12.52
CA GLN A 116 0.47 16.72 12.52
C GLN A 116 0.25 15.21 12.40
N LEU A 117 1.05 14.56 11.56
CA LEU A 117 0.85 13.15 11.38
C LEU A 117 0.96 12.48 12.75
N LEU A 118 2.10 12.73 13.42
CA LEU A 118 2.45 12.06 14.67
C LEU A 118 1.38 12.28 15.74
N ALA A 119 0.68 13.41 15.65
CA ALA A 119 -0.42 13.73 16.55
C ALA A 119 -1.44 12.60 16.55
N GLY A 120 -1.61 11.94 15.40
CA GLY A 120 -2.53 10.83 15.28
C GLY A 120 -1.99 9.56 15.97
N ILE A 121 -0.94 9.69 16.78
CA ILE A 121 -0.40 8.54 17.50
C ILE A 121 -0.69 8.72 19.00
N PRO A 122 -1.87 8.25 19.48
CA PRO A 122 -2.26 8.40 20.88
C PRO A 122 -1.17 8.30 21.94
N ASP A 123 -0.52 7.13 22.04
CA ASP A 123 0.53 7.00 23.03
C ASP A 123 1.68 7.95 22.69
N PRO A 124 1.96 8.93 23.59
CA PRO A 124 2.92 9.98 23.29
C PRO A 124 4.35 9.45 23.17
N ILE A 125 4.63 8.37 23.91
CA ILE A 125 5.96 7.77 24.01
C ILE A 125 6.29 7.13 22.66
N LYS A 126 5.43 6.19 22.26
CA LYS A 126 5.57 5.55 20.96
C LYS A 126 5.70 6.65 19.92
N ARG A 127 4.95 7.74 20.12
CA ARG A 127 4.85 8.83 19.17
C ARG A 127 6.22 9.46 18.98
N ALA A 128 7.01 9.53 20.06
CA ALA A 128 8.31 10.15 19.97
C ALA A 128 9.29 9.22 19.25
N GLU A 129 9.06 7.91 19.38
CA GLU A 129 9.91 6.88 18.79
C GLU A 129 9.71 6.84 17.27
N ALA A 130 8.46 7.05 16.84
CA ALA A 130 8.00 6.86 15.47
C ALA A 130 8.65 7.83 14.49
N ALA A 131 9.06 9.00 14.98
CA ALA A 131 9.48 10.03 14.04
C ALA A 131 10.61 9.53 13.16
N ASN A 132 11.32 8.50 13.63
CA ASN A 132 12.38 7.88 12.84
C ASN A 132 11.84 7.46 11.48
N ASP A 133 10.73 6.70 11.51
CA ASP A 133 10.26 6.02 10.32
C ASP A 133 8.91 6.58 9.84
N VAL A 134 8.76 7.90 9.98
CA VAL A 134 7.62 8.61 9.44
C VAL A 134 8.14 9.80 8.63
N VAL A 135 7.52 10.00 7.47
CA VAL A 135 7.87 11.10 6.59
C VAL A 135 6.58 11.67 6.03
N ALA A 136 6.47 13.01 6.05
CA ALA A 136 5.36 13.70 5.44
C ALA A 136 5.82 14.31 4.13
N VAL A 137 5.52 13.64 3.02
CA VAL A 137 5.70 14.27 1.72
C VAL A 137 4.60 15.31 1.60
N ASN A 138 4.95 16.47 1.02
CA ASN A 138 3.95 17.46 0.70
C ASN A 138 3.79 17.46 -0.82
N GLY A 139 3.01 16.49 -1.30
CA GLY A 139 2.85 16.27 -2.73
C GLY A 139 2.13 14.96 -3.05
N GLY A 140 2.02 14.69 -4.35
CA GLY A 140 1.40 13.46 -4.82
C GLY A 140 2.41 12.32 -4.89
N LEU A 141 1.98 11.20 -5.50
CA LEU A 141 2.79 10.01 -5.58
C LEU A 141 4.07 10.32 -6.34
N GLU A 142 3.93 10.90 -7.54
CA GLU A 142 5.07 11.21 -8.37
C GLU A 142 6.15 11.91 -7.54
N ASP A 143 5.69 12.78 -6.63
CA ASP A 143 6.60 13.52 -5.78
C ASP A 143 7.34 12.53 -4.88
N ALA A 144 6.58 11.70 -4.16
CA ALA A 144 7.13 10.70 -3.25
C ALA A 144 8.14 9.83 -3.98
N LEU A 145 7.78 9.39 -5.19
CA LEU A 145 8.64 8.52 -6.00
C LEU A 145 9.88 9.30 -6.45
N ARG A 146 9.73 10.62 -6.57
CA ARG A 146 10.84 11.47 -6.97
C ARG A 146 11.85 11.53 -5.81
N MET A 147 11.37 11.41 -4.56
CA MET A 147 12.21 11.56 -3.37
C MET A 147 12.95 10.26 -3.05
N LEU A 148 12.31 9.14 -3.40
CA LEU A 148 12.81 7.83 -2.99
C LEU A 148 13.79 7.31 -4.03
N VAL A 149 14.00 8.11 -5.08
CA VAL A 149 14.96 7.80 -6.13
C VAL A 149 16.34 8.30 -5.69
N SER A 150 16.40 9.01 -4.56
CA SER A 150 17.63 9.63 -4.06
C SER A 150 18.59 8.58 -3.50
N LYS A 151 19.85 8.99 -3.28
CA LYS A 151 20.94 8.09 -2.94
C LYS A 151 20.80 7.53 -1.53
N GLU A 152 20.12 8.27 -0.63
CA GLU A 152 19.80 7.74 0.68
C GLU A 152 18.80 6.62 0.49
N HIS A 153 17.72 6.95 -0.22
CA HIS A 153 16.53 6.12 -0.29
C HIS A 153 16.76 4.91 -1.19
N THR A 154 17.87 4.88 -1.94
CA THR A 154 18.14 3.78 -2.85
C THR A 154 18.97 2.71 -2.13
N SER A 155 19.29 2.96 -0.87
CA SER A 155 20.24 2.10 -0.17
C SER A 155 19.71 1.74 1.21
N SER A 156 19.00 2.68 1.83
CA SER A 156 18.38 2.39 3.11
C SER A 156 17.01 1.75 2.88
N ILE A 157 16.49 1.91 1.66
CA ILE A 157 15.16 1.44 1.33
C ILE A 157 15.23 0.58 0.07
N GLU A 158 14.66 -0.62 0.15
CA GLU A 158 14.87 -1.65 -0.86
C GLU A 158 13.72 -1.69 -1.85
N THR A 159 12.49 -1.81 -1.33
CA THR A 159 11.33 -1.81 -2.20
C THR A 159 10.33 -0.76 -1.74
N VAL A 160 9.48 -0.34 -2.67
CA VAL A 160 8.52 0.71 -2.41
C VAL A 160 7.13 0.21 -2.78
N PHE A 161 6.23 0.28 -1.80
CA PHE A 161 4.87 -0.21 -2.00
C PHE A 161 3.88 0.92 -1.85
N CYS A 162 3.02 1.06 -2.85
CA CYS A 162 1.85 1.91 -2.74
C CYS A 162 0.77 1.15 -1.97
N ILE A 163 0.34 1.66 -0.81
CA ILE A 163 -0.58 0.87 -0.01
C ILE A 163 -1.83 1.69 0.33
N GLY A 164 -2.34 2.42 -0.68
CA GLY A 164 -3.62 3.10 -0.59
C GLY A 164 -3.49 4.56 -0.16
N GLY A 165 -4.64 5.24 0.02
CA GLY A 165 -5.96 4.72 -0.27
C GLY A 165 -6.41 5.10 -1.68
N GLY A 166 -7.72 5.36 -1.80
CA GLY A 166 -8.43 5.53 -3.07
C GLY A 166 -7.67 6.39 -4.07
N THR A 167 -7.61 7.71 -3.83
CA THR A 167 -7.02 8.61 -4.85
C THR A 167 -5.60 8.21 -5.16
N ILE A 168 -4.88 7.69 -4.17
CA ILE A 168 -3.47 7.37 -4.32
C ILE A 168 -3.33 6.17 -5.26
N TYR A 169 -4.27 5.24 -5.19
CA TYR A 169 -4.25 4.13 -6.13
C TYR A 169 -4.49 4.67 -7.54
N LYS A 170 -5.59 5.42 -7.72
CA LYS A 170 -5.97 5.97 -9.02
C LYS A 170 -4.79 6.73 -9.61
N GLN A 171 -3.97 7.35 -8.76
CA GLN A 171 -2.81 8.09 -9.22
C GLN A 171 -1.72 7.15 -9.70
N ALA A 172 -1.58 6.02 -8.99
CA ALA A 172 -0.51 5.08 -9.22
C ALA A 172 -0.66 4.49 -10.63
N LEU A 173 -1.92 4.34 -11.03
CA LEU A 173 -2.29 3.81 -12.33
C LEU A 173 -2.19 4.91 -13.39
N CYS A 174 -2.01 6.16 -12.95
CA CYS A 174 -1.90 7.26 -13.90
C CYS A 174 -0.44 7.45 -14.30
N ALA A 175 -0.26 7.88 -15.56
CA ALA A 175 0.99 8.41 -16.04
C ALA A 175 1.28 9.70 -15.27
N PRO A 176 2.52 9.92 -14.80
CA PRO A 176 3.65 9.06 -15.15
C PRO A 176 3.98 7.97 -14.15
N CYS A 177 3.13 7.77 -13.13
CA CYS A 177 3.42 6.84 -12.06
C CYS A 177 3.39 5.40 -12.58
N VAL A 178 2.35 5.08 -13.34
CA VAL A 178 2.18 3.74 -13.86
C VAL A 178 3.41 3.32 -14.68
N ASN A 179 4.24 4.30 -15.08
CA ASN A 179 5.38 4.03 -15.94
C ASN A 179 6.50 3.31 -15.19
N VAL A 180 6.35 3.15 -13.86
CA VAL A 180 7.39 2.54 -13.05
C VAL A 180 6.74 1.55 -12.09
N LEU A 181 5.40 1.49 -12.18
CA LEU A 181 4.67 0.46 -11.49
C LEU A 181 5.22 -0.87 -11.97
N GLN A 182 5.54 -1.77 -11.02
CA GLN A 182 6.15 -3.05 -11.34
C GLN A 182 5.14 -4.18 -11.23
N ALA A 183 4.46 -4.30 -10.09
CA ALA A 183 3.43 -5.32 -9.92
C ALA A 183 2.19 -4.69 -9.28
N ILE A 184 1.17 -5.51 -9.05
CA ILE A 184 0.04 -5.20 -8.20
C ILE A 184 -0.26 -6.47 -7.42
N HIS A 185 -0.22 -6.41 -6.09
CA HIS A 185 -0.56 -7.59 -5.30
C HIS A 185 -1.96 -7.40 -4.75
N ARG A 186 -2.94 -7.95 -5.50
CA ARG A 186 -4.35 -7.75 -5.19
C ARG A 186 -4.88 -9.00 -4.51
N THR A 187 -5.47 -8.80 -3.34
CA THR A 187 -6.17 -9.87 -2.66
C THR A 187 -7.64 -9.78 -3.06
N VAL A 188 -8.35 -10.91 -2.97
CA VAL A 188 -9.71 -11.02 -3.46
C VAL A 188 -10.57 -11.62 -2.36
N VAL A 189 -11.28 -10.74 -1.64
CA VAL A 189 -12.33 -11.16 -0.72
C VAL A 189 -13.52 -11.61 -1.54
N ARG A 190 -13.90 -12.89 -1.37
CA ARG A 190 -14.92 -13.56 -2.17
C ARG A 190 -16.31 -12.99 -1.89
N PRO A 191 -16.76 -12.90 -0.61
CA PRO A 191 -18.08 -12.32 -0.31
C PRO A 191 -18.01 -10.80 -0.25
N ALA A 192 -18.23 -10.15 -1.41
CA ALA A 192 -18.04 -8.72 -1.59
C ALA A 192 -18.91 -7.93 -0.62
N SER A 193 -18.29 -6.96 0.07
CA SER A 193 -19.04 -6.15 1.02
C SER A 193 -19.85 -5.09 0.29
N ASN A 194 -21.12 -4.98 0.67
CA ASN A 194 -22.05 -4.09 0.01
C ASN A 194 -22.19 -2.81 0.83
N SER A 195 -21.09 -2.40 1.47
CA SER A 195 -21.05 -1.22 2.33
C SER A 195 -19.80 -0.38 2.05
N CYS A 196 -19.15 -0.65 0.91
CA CYS A 196 -17.90 0.00 0.57
C CYS A 196 -18.15 1.35 -0.08
N SER A 197 -17.71 2.42 0.59
CA SER A 197 -17.77 3.78 0.08
C SER A 197 -16.56 4.10 -0.81
N VAL A 198 -15.43 3.43 -0.56
CA VAL A 198 -14.18 3.70 -1.26
C VAL A 198 -13.85 2.51 -2.17
N PHE A 199 -13.30 2.80 -3.36
CA PHE A 199 -13.08 1.78 -4.37
C PHE A 199 -11.74 1.96 -5.07
N PHE A 200 -11.19 0.82 -5.55
CA PHE A 200 -10.01 0.81 -6.39
C PHE A 200 -10.45 0.46 -7.82
N ASP A 201 -10.45 1.48 -8.69
CA ASP A 201 -10.76 1.41 -10.11
C ASP A 201 -9.70 0.58 -10.83
N ILE A 202 -9.89 -0.73 -10.89
CA ILE A 202 -8.92 -1.62 -11.61
C ILE A 202 -9.62 -2.20 -12.84
N PRO A 203 -9.32 -1.70 -14.05
CA PRO A 203 -9.92 -2.20 -15.27
C PRO A 203 -9.66 -3.69 -15.47
N ALA A 204 -10.65 -4.52 -15.14
CA ALA A 204 -10.53 -5.99 -15.35
C ALA A 204 -9.10 -6.45 -15.07
N ALA A 205 -8.55 -7.24 -15.99
CA ALA A 205 -7.19 -7.76 -15.82
C ALA A 205 -6.87 -8.20 -17.26
N GLY A 206 -6.72 -7.23 -18.15
CA GLY A 206 -6.46 -7.52 -19.55
C GLY A 206 -7.30 -6.66 -20.45
N THR A 207 -7.57 -5.44 -19.99
CA THR A 207 -8.45 -4.55 -20.77
C THR A 207 -7.64 -3.34 -21.18
N LYS A 208 -7.52 -3.09 -22.48
CA LYS A 208 -6.85 -1.86 -22.93
C LYS A 208 -7.49 -0.73 -22.13
N THR A 209 -6.80 -0.23 -21.11
CA THR A 209 -7.41 0.77 -20.24
C THR A 209 -7.79 2.02 -21.03
N PRO A 210 -8.72 2.86 -20.52
CA PRO A 210 -8.85 4.23 -21.00
C PRO A 210 -7.47 4.82 -21.27
N GLU A 211 -6.59 4.78 -20.25
CA GLU A 211 -5.20 5.17 -20.32
C GLU A 211 -4.49 4.49 -21.49
N GLY A 212 -4.37 3.16 -21.42
CA GLY A 212 -3.60 2.41 -22.40
C GLY A 212 -2.72 1.39 -21.70
N LEU A 213 -3.18 0.95 -20.52
CA LEU A 213 -2.50 -0.10 -19.78
C LEU A 213 -3.21 -1.43 -19.98
N GLU A 214 -2.42 -2.49 -20.16
CA GLU A 214 -2.93 -3.85 -20.04
C GLU A 214 -2.43 -4.45 -18.74
N LEU A 215 -3.35 -4.62 -17.79
CA LEU A 215 -3.10 -5.39 -16.59
C LEU A 215 -3.01 -6.86 -16.99
N VAL A 216 -2.01 -7.56 -16.46
CA VAL A 216 -1.90 -8.98 -16.75
C VAL A 216 -1.80 -9.75 -15.44
N ARG A 217 -2.68 -10.75 -15.29
CA ARG A 217 -2.59 -11.68 -14.18
C ARG A 217 -1.38 -12.57 -14.39
N GLU A 218 -0.20 -12.15 -13.91
CA GLU A 218 0.96 -13.01 -13.96
C GLU A 218 0.64 -14.33 -13.26
N SER A 219 0.01 -14.24 -12.09
CA SER A 219 -0.35 -15.44 -11.33
C SER A 219 -1.42 -15.10 -10.31
N ILE A 220 -1.95 -16.16 -9.67
CA ILE A 220 -3.07 -16.03 -8.75
C ILE A 220 -3.22 -17.33 -7.96
N THR A 221 -3.33 -17.21 -6.63
CA THR A 221 -3.37 -18.38 -5.77
C THR A 221 -4.75 -19.00 -5.88
N ASP A 222 -4.83 -20.28 -5.50
CA ASP A 222 -6.10 -20.96 -5.38
C ASP A 222 -6.92 -20.23 -4.31
N GLU A 223 -8.24 -20.36 -4.37
CA GLU A 223 -9.10 -19.85 -3.31
C GLU A 223 -8.79 -20.62 -2.04
N ARG A 224 -8.70 -19.90 -0.91
CA ARG A 224 -8.76 -20.51 0.41
C ARG A 224 -9.83 -19.78 1.21
N VAL A 225 -10.16 -20.34 2.38
CA VAL A 225 -11.20 -19.77 3.21
C VAL A 225 -10.58 -19.40 4.55
N SER A 226 -10.96 -18.22 5.08
CA SER A 226 -10.49 -17.77 6.37
C SER A 226 -10.99 -18.70 7.48
N THR A 227 -10.06 -19.26 8.24
CA THR A 227 -10.36 -20.20 9.32
C THR A 227 -11.26 -19.51 10.33
N GLY A 228 -10.94 -18.25 10.64
CA GLY A 228 -11.67 -17.46 11.62
C GLY A 228 -13.17 -17.44 11.30
N ALA A 229 -13.96 -17.05 12.31
CA ALA A 229 -15.39 -16.82 12.16
C ALA A 229 -15.58 -15.61 11.26
N GLY A 230 -14.47 -15.10 10.75
CA GLY A 230 -14.44 -14.24 9.57
C GLY A 230 -14.24 -15.16 8.36
N GLY A 231 -15.12 -16.17 8.26
CA GLY A 231 -15.08 -17.16 7.20
C GLY A 231 -15.51 -16.42 5.92
N LYS A 232 -14.50 -15.89 5.22
CA LYS A 232 -14.67 -15.31 3.90
C LYS A 232 -14.03 -16.28 2.92
N LYS A 233 -13.26 -15.75 1.97
CA LYS A 233 -12.53 -16.56 1.02
C LYS A 233 -11.61 -15.65 0.21
N TYR A 234 -10.30 -15.87 0.35
CA TYR A 234 -9.32 -14.92 -0.14
C TYR A 234 -8.54 -15.52 -1.30
N GLN A 235 -8.01 -14.64 -2.16
CA GLN A 235 -7.11 -15.03 -3.23
C GLN A 235 -5.95 -14.05 -3.33
N PHE A 236 -4.76 -14.58 -3.57
CA PHE A 236 -3.62 -13.71 -3.84
C PHE A 236 -3.42 -13.63 -5.35
N GLU A 237 -3.97 -12.57 -5.94
CA GLU A 237 -3.78 -12.30 -7.36
C GLU A 237 -2.57 -11.38 -7.52
N LYS A 238 -1.84 -11.54 -8.62
CA LYS A 238 -0.75 -10.64 -8.95
C LYS A 238 -0.93 -10.17 -10.39
N LEU A 239 -1.00 -8.84 -10.56
CA LEU A 239 -1.21 -8.24 -11.87
C LEU A 239 -0.01 -7.36 -12.24
N VAL A 240 0.26 -7.25 -13.54
CA VAL A 240 1.46 -6.61 -14.02
C VAL A 240 1.14 -5.86 -15.31
N PRO A 241 1.74 -4.66 -15.51
CA PRO A 241 1.46 -3.84 -16.70
C PRO A 241 2.06 -4.42 -17.97
N ARG A 242 1.34 -4.28 -19.08
CA ARG A 242 1.72 -4.80 -20.38
C ARG A 242 2.48 -6.13 -20.23
PA NDP B . -6.21 8.45 0.33
O1A NDP B . -6.23 8.45 -1.15
O2A NDP B . -5.40 7.43 1.05
O5B NDP B . -5.90 9.90 0.91
C5B NDP B . -6.04 11.04 0.03
C4B NDP B . -5.27 12.19 0.63
O4B NDP B . -3.89 12.13 0.20
C3B NDP B . -5.71 13.59 0.19
O3B NDP B . -6.91 13.89 0.89
C2B NDP B . -4.46 14.39 0.57
O2B NDP B . -4.26 14.41 1.97
C1B NDP B . -3.37 13.44 0.11
N9A NDP B . -2.96 13.65 -1.27
C8A NDP B . -3.40 12.98 -2.38
N7A NDP B . -2.84 13.39 -3.49
C5A NDP B . -1.98 14.39 -3.09
C6A NDP B . -1.10 15.23 -3.81
N6A NDP B . -0.95 15.17 -5.14
N1A NDP B . -0.39 16.13 -3.10
C2A NDP B . -0.55 16.18 -1.77
N3A NDP B . -1.34 15.45 -0.99
C4A NDP B . -2.04 14.56 -1.72
O3 NDP B . -7.69 8.27 0.90
PN NDP B . -9.04 7.85 0.17
O1N NDP B . -8.74 7.85 -1.30
O2N NDP B . -10.12 8.74 0.68
O5D NDP B . -9.25 6.34 0.72
C5D NDP B . -9.26 5.99 2.14
C4D NDP B . -9.88 4.63 2.37
O4D NDP B . -9.02 3.60 1.83
C3D NDP B . -10.18 4.21 3.82
O3D NDP B . -11.52 3.74 3.97
C2D NDP B . -9.23 3.02 4.06
O2D NDP B . -9.76 2.07 4.97
C1D NDP B . -9.06 2.45 2.65
N1N NDP B . -7.80 1.67 2.44
C2N NDP B . -7.86 0.32 2.16
C3N NDP B . -6.79 -0.40 1.72
C7N NDP B . -7.00 -1.78 1.25
O7N NDP B . -6.10 -2.35 0.62
N7N NDP B . -8.14 -2.39 1.54
C4N NDP B . -5.44 0.22 1.74
C5N NDP B . -5.44 1.64 2.19
C6N NDP B . -6.56 2.28 2.49
P2B NDP B . -4.67 15.80 2.67
O1X NDP B . -3.45 16.71 2.60
O2X NDP B . -5.85 16.40 1.94
O3X NDP B . -5.02 15.36 4.09
CAC A1H0S C . -4.07 -1.79 5.95
CAE A1H0S C . -3.57 -2.31 3.29
CAG A1H0S C . -3.72 -4.17 2.19
CAJ A1H0S C . -4.19 -6.42 1.53
CAO A1H0S C . -4.39 -1.60 7.30
CAP A1H0S C . -4.45 -2.98 5.36
CAD A1H0S C . -4.16 -3.24 4.06
NAF A1H0S C . -4.47 -4.29 3.30
CAL A1H0S C . -5.01 -5.58 3.84
CAM A1H0S C . -4.30 -6.06 5.08
CAN A1H0S C . -6.50 -5.40 4.23
NAQ A1H0S C . -4.86 -6.62 2.77
NAK A1H0S C . -4.08 -7.40 0.61
NAI A1H0S C . -3.64 -5.18 1.24
NAH A1H0S C . -3.39 -2.87 2.10
CAA A1H0S C . -3.14 -1.16 3.79
CAB A1H0S C . -3.40 -0.85 5.12
CAR A1H0S C . -2.97 0.38 5.57
#